data_1SLB
#
_entry.id   1SLB
#
_cell.length_a   112.800
_cell.length_b   41.600
_cell.length_c   110.000
_cell.angle_alpha   90.00
_cell.angle_beta   103.00
_cell.angle_gamma   90.00
#
_symmetry.space_group_name_H-M   'C 1 2 1'
#
loop_
_entity.id
_entity.type
_entity.pdbx_description
1 polymer 'BOVINE GALECTIN-1'
2 branched beta-D-galactopyranose-(1-4)-2-acetamido-2-deoxy-beta-D-glucopyranose-(1-2)-alpha-D-mannopyranose-(1-3)-[beta-D-galactopyranose-(1-4)-2-acetamido-2-deoxy-beta-D-glucopyranose-(1-2)-alpha-D-mannopyranose-(1-6)]beta-D-mannopyranose-(1-4)-2-acetamido-2-deoxy-beta-D-glucopyranose
3 branched beta-D-galactopyranose-(1-4)-2-acetamido-2-deoxy-beta-D-glucopyranose-(1-2)-alpha-D-mannopyranose-(1-3)-[beta-D-galactopyranose-(1-4)-2-acetamido-2-deoxy-beta-D-glucopyranose-(1-2)-alpha-D-mannopyranose-(1-6)]alpha-D-mannopyranose
4 water water
#
_entity_poly.entity_id   1
_entity_poly.type   'polypeptide(L)'
_entity_poly.pdbx_seq_one_letter_code
;ACGLVASNLNLKPGECLRVRGEVAADAKSFLLNLGKDDNNLCLHFNPRFNAHGDVNTIVCNSKDAGAWGAEQRESAFPFQ
PGSVVEVCISFNQTDLTIKLPDGYEFKFPNRLNLEAINYLSAGGDFKIKCVAFE
;
_entity_poly.pdbx_strand_id   A,B,C,D
#
loop_
_chem_comp.id
_chem_comp.type
_chem_comp.name
_chem_comp.formula
BMA D-saccharide, beta linking beta-D-mannopyranose 'C6 H12 O6'
GAL D-saccharide, beta linking beta-D-galactopyranose 'C6 H12 O6'
MAN D-saccharide, alpha linking alpha-D-mannopyranose 'C6 H12 O6'
NAG D-saccharide, beta linking 2-acetamido-2-deoxy-beta-D-glucopyranose 'C8 H15 N O6'
#
# COMPACT_ATOMS: atom_id res chain seq x y z
N ALA A 1 -15.01 -15.62 -1.12
CA ALA A 1 -13.52 -15.75 -1.08
C ALA A 1 -13.15 -17.23 -1.23
N CYS A 2 -12.29 -17.18 -2.16
CA CYS A 2 -11.70 -18.13 -2.95
C CYS A 2 -10.19 -18.00 -2.91
N GLY A 3 -9.47 -18.04 -2.00
CA GLY A 3 -8.04 -18.00 -2.29
C GLY A 3 -7.56 -19.38 -1.99
N LEU A 4 -6.56 -19.51 -1.18
CA LEU A 4 -6.18 -20.80 -0.58
C LEU A 4 -7.32 -21.53 0.14
N VAL A 5 -7.42 -22.83 -0.10
CA VAL A 5 -8.41 -23.68 0.56
C VAL A 5 -7.68 -24.95 1.01
N ALA A 6 -7.64 -25.15 2.33
CA ALA A 6 -7.01 -26.32 2.91
C ALA A 6 -8.09 -27.07 3.65
N SER A 7 -8.30 -28.32 3.27
CA SER A 7 -9.32 -29.15 3.90
C SER A 7 -8.67 -30.42 4.40
N ASN A 8 -9.50 -31.27 4.99
CA ASN A 8 -9.09 -32.56 5.55
C ASN A 8 -8.03 -32.33 6.61
N LEU A 9 -8.19 -31.23 7.33
CA LEU A 9 -7.26 -30.89 8.40
C LEU A 9 -7.87 -31.49 9.65
N ASN A 10 -7.10 -31.53 10.72
CA ASN A 10 -7.66 -32.04 11.94
C ASN A 10 -7.07 -31.25 13.08
N LEU A 11 -7.29 -29.93 12.99
CA LEU A 11 -6.81 -29.02 14.01
C LEU A 11 -7.70 -29.28 15.22
N LYS A 12 -7.09 -29.77 16.29
CA LYS A 12 -7.83 -30.08 17.52
C LYS A 12 -7.39 -29.15 18.66
N PRO A 13 -8.22 -29.03 19.71
CA PRO A 13 -7.87 -28.14 20.83
C PRO A 13 -6.48 -28.45 21.37
N GLY A 14 -5.66 -27.41 21.45
CA GLY A 14 -4.31 -27.58 21.97
C GLY A 14 -3.28 -27.10 20.97
N GLU A 15 -3.58 -27.28 19.69
CA GLU A 15 -2.70 -26.86 18.61
C GLU A 15 -2.95 -25.39 18.33
N CYS A 16 -2.05 -24.75 17.59
CA CYS A 16 -2.16 -23.34 17.25
C CYS A 16 -2.05 -23.18 15.73
N LEU A 17 -3.03 -22.51 15.13
CA LEU A 17 -3.02 -22.27 13.70
C LEU A 17 -2.39 -20.90 13.49
N ARG A 18 -1.24 -20.87 12.83
CA ARG A 18 -0.55 -19.61 12.61
C ARG A 18 -0.58 -19.28 11.12
N VAL A 19 -1.25 -18.20 10.77
CA VAL A 19 -1.34 -17.80 9.37
C VAL A 19 -0.66 -16.45 9.20
N ARG A 20 0.19 -16.35 8.18
CA ARG A 20 0.91 -15.12 7.88
C ARG A 20 0.60 -14.81 6.43
N GLY A 21 0.31 -13.54 6.13
CA GLY A 21 -0.01 -13.20 4.77
C GLY A 21 0.21 -11.74 4.45
N GLU A 22 0.16 -11.42 3.17
CA GLU A 22 0.39 -10.07 2.70
C GLU A 22 -0.95 -9.44 2.32
N VAL A 23 -1.29 -8.34 2.98
CA VAL A 23 -2.54 -7.64 2.66
C VAL A 23 -2.26 -6.63 1.54
N ALA A 24 -3.05 -6.72 0.48
CA ALA A 24 -2.92 -5.85 -0.70
C ALA A 24 -2.86 -4.36 -0.41
N ALA A 25 -2.35 -3.62 -1.38
CA ALA A 25 -2.22 -2.18 -1.25
C ALA A 25 -3.59 -1.51 -1.38
N ASP A 26 -4.44 -2.07 -2.22
CA ASP A 26 -5.80 -1.55 -2.44
C ASP A 26 -6.74 -2.47 -1.68
N ALA A 27 -6.36 -2.79 -0.44
CA ALA A 27 -7.13 -3.70 0.40
C ALA A 27 -8.39 -3.09 0.99
N LYS A 28 -9.53 -3.69 0.66
CA LYS A 28 -10.83 -3.28 1.18
C LYS A 28 -11.16 -4.22 2.35
N SER A 29 -10.74 -5.48 2.24
CA SER A 29 -10.91 -6.47 3.28
C SER A 29 -10.25 -7.78 2.90
N PHE A 30 -10.19 -8.71 3.86
CA PHE A 30 -9.63 -10.04 3.64
C PHE A 30 -10.33 -10.95 4.63
N LEU A 31 -10.19 -12.26 4.49
CA LEU A 31 -10.88 -13.15 5.40
C LEU A 31 -10.26 -14.52 5.53
N LEU A 32 -10.46 -15.12 6.70
CA LEU A 32 -10.01 -16.47 7.01
C LEU A 32 -11.25 -17.22 7.48
N ASN A 33 -11.51 -18.38 6.89
CA ASN A 33 -12.66 -19.18 7.25
C ASN A 33 -12.22 -20.48 7.92
N LEU A 34 -12.81 -20.79 9.08
CA LEU A 34 -12.49 -22.00 9.83
C LEU A 34 -13.77 -22.76 10.11
N GLY A 35 -13.77 -24.07 9.88
CA GLY A 35 -14.95 -24.88 10.14
C GLY A 35 -14.86 -26.31 9.65
N LYS A 36 -16.00 -26.86 9.28
CA LYS A 36 -16.07 -28.23 8.77
C LYS A 36 -16.07 -28.22 7.25
N ASP A 37 -16.72 -27.22 6.65
CA ASP A 37 -16.83 -27.04 5.20
C ASP A 37 -17.33 -25.62 4.98
N ASP A 38 -17.59 -25.20 3.75
CA ASP A 38 -18.03 -23.81 3.54
C ASP A 38 -19.37 -23.39 4.13
N ASN A 39 -20.23 -24.35 4.47
CA ASN A 39 -21.54 -24.04 5.03
C ASN A 39 -21.59 -24.23 6.54
N ASN A 40 -20.46 -24.59 7.13
CA ASN A 40 -20.38 -24.81 8.57
C ASN A 40 -19.07 -24.24 9.08
N LEU A 41 -19.08 -22.95 9.39
CA LEU A 41 -17.92 -22.23 9.88
C LEU A 41 -18.04 -21.81 11.33
N CYS A 42 -17.05 -22.16 12.15
CA CYS A 42 -17.06 -21.77 13.55
C CYS A 42 -16.50 -20.36 13.61
N LEU A 43 -15.73 -19.98 12.60
CA LEU A 43 -15.17 -18.64 12.58
C LEU A 43 -15.05 -18.11 11.17
N HIS A 44 -15.48 -16.86 10.99
CA HIS A 44 -15.40 -16.13 9.74
C HIS A 44 -14.75 -14.85 10.24
N PHE A 45 -13.45 -14.73 10.03
CA PHE A 45 -12.63 -13.59 10.46
C PHE A 45 -12.58 -12.65 9.26
N ASN A 46 -13.27 -11.52 9.37
CA ASN A 46 -13.32 -10.60 8.25
C ASN A 46 -12.87 -9.18 8.55
N PRO A 47 -11.54 -8.95 8.59
CA PRO A 47 -11.06 -7.59 8.85
C PRO A 47 -11.51 -6.77 7.65
N ARG A 48 -12.06 -5.58 7.91
CA ARG A 48 -12.56 -4.72 6.85
C ARG A 48 -12.02 -3.30 6.92
N PHE A 49 -11.26 -2.91 5.90
CA PHE A 49 -10.68 -1.58 5.84
C PHE A 49 -11.75 -0.60 5.40
N ASN A 50 -12.47 -1.00 4.37
CA ASN A 50 -13.54 -0.18 3.80
C ASN A 50 -14.42 -1.09 2.93
N ALA A 51 -15.34 -1.79 3.58
CA ALA A 51 -16.24 -2.70 2.88
C ALA A 51 -17.46 -3.04 3.72
N HIS A 52 -18.58 -3.26 3.03
CA HIS A 52 -19.87 -3.60 3.64
C HIS A 52 -20.29 -2.65 4.76
N GLY A 53 -20.11 -1.35 4.52
CA GLY A 53 -20.49 -0.36 5.51
C GLY A 53 -19.60 -0.38 6.75
N ASP A 54 -18.40 -0.94 6.60
CA ASP A 54 -17.43 -1.02 7.69
C ASP A 54 -16.12 -0.37 7.28
N VAL A 55 -15.63 0.48 8.18
CA VAL A 55 -14.38 1.23 8.01
C VAL A 55 -13.45 0.77 9.12
N ASN A 56 -12.38 0.08 8.76
CA ASN A 56 -11.41 -0.41 9.73
C ASN A 56 -12.04 -1.14 10.90
N THR A 57 -12.84 -2.15 10.62
CA THR A 57 -13.47 -2.92 11.69
C THR A 57 -13.35 -4.39 11.39
N ILE A 58 -13.13 -5.20 12.42
CA ILE A 58 -13.01 -6.64 12.27
C ILE A 58 -14.35 -7.24 12.60
N VAL A 59 -14.93 -7.93 11.63
CA VAL A 59 -16.22 -8.58 11.77
C VAL A 59 -16.00 -10.08 11.88
N CYS A 60 -16.55 -10.67 12.93
CA CYS A 60 -16.44 -12.11 13.14
C CYS A 60 -17.82 -12.68 13.13
N ASN A 61 -17.96 -13.90 12.61
CA ASN A 61 -19.26 -14.52 12.56
C ASN A 61 -19.15 -16.02 12.30
N SER A 62 -20.24 -16.73 12.57
CA SER A 62 -20.26 -18.16 12.33
C SER A 62 -21.31 -18.42 11.28
N LYS A 63 -21.27 -19.62 10.73
CA LYS A 63 -22.21 -20.03 9.71
C LYS A 63 -22.57 -21.46 10.06
N ASP A 64 -23.84 -21.66 10.39
CA ASP A 64 -24.36 -22.96 10.76
C ASP A 64 -25.31 -23.38 9.66
N ALA A 65 -25.02 -24.52 9.04
CA ALA A 65 -25.84 -25.05 7.94
C ALA A 65 -26.19 -24.01 6.89
N GLY A 66 -25.18 -23.26 6.44
CA GLY A 66 -25.38 -22.24 5.42
C GLY A 66 -25.91 -20.90 5.89
N ALA A 67 -26.44 -20.85 7.11
CA ALA A 67 -26.99 -19.62 7.65
C ALA A 67 -26.04 -18.89 8.57
N TRP A 68 -25.75 -17.63 8.23
CA TRP A 68 -24.87 -16.78 9.04
C TRP A 68 -25.47 -16.53 10.43
N GLY A 69 -24.63 -16.29 11.41
CA GLY A 69 -25.12 -16.03 12.75
C GLY A 69 -24.99 -14.56 13.05
N ALA A 70 -25.08 -14.19 14.33
CA ALA A 70 -24.98 -12.80 14.74
C ALA A 70 -23.53 -12.34 14.62
N GLU A 71 -23.33 -11.14 14.11
CA GLU A 71 -21.98 -10.62 13.92
C GLU A 71 -21.38 -9.97 15.16
N GLN A 72 -20.07 -10.12 15.31
CA GLN A 72 -19.33 -9.53 16.43
C GLN A 72 -18.27 -8.62 15.83
N ARG A 73 -18.28 -7.34 16.23
CA ARG A 73 -17.29 -6.38 15.73
C ARG A 73 -16.28 -6.10 16.84
N GLU A 74 -14.99 -6.02 16.49
CA GLU A 74 -13.93 -5.78 17.46
C GLU A 74 -13.55 -4.32 17.69
N SER A 75 -12.87 -4.09 18.81
CA SER A 75 -12.46 -2.75 19.20
C SER A 75 -11.17 -2.29 18.53
N ALA A 76 -10.28 -3.21 18.21
CA ALA A 76 -9.02 -2.87 17.59
C ALA A 76 -8.89 -3.33 16.16
N PHE A 77 -8.16 -2.55 15.38
CA PHE A 77 -7.92 -2.87 13.98
C PHE A 77 -6.41 -2.68 13.74
N PRO A 78 -5.60 -3.66 14.20
CA PRO A 78 -4.14 -3.61 14.04
C PRO A 78 -3.68 -4.09 12.65
N PHE A 79 -4.21 -3.46 11.62
CA PHE A 79 -3.84 -3.84 10.26
C PHE A 79 -3.66 -2.57 9.47
N GLN A 80 -2.92 -2.69 8.38
CA GLN A 80 -2.66 -1.58 7.48
C GLN A 80 -2.62 -2.28 6.14
N PRO A 81 -3.01 -1.59 5.05
CA PRO A 81 -2.96 -2.24 3.74
C PRO A 81 -1.51 -2.18 3.24
N GLY A 82 -1.10 -3.16 2.45
CA GLY A 82 0.27 -3.20 1.95
C GLY A 82 1.25 -3.60 3.03
N SER A 83 0.82 -4.47 3.92
CA SER A 83 1.67 -4.93 4.99
C SER A 83 1.52 -6.43 5.19
N VAL A 84 2.41 -7.00 5.98
CA VAL A 84 2.35 -8.42 6.25
C VAL A 84 1.81 -8.62 7.65
N VAL A 85 0.71 -9.37 7.73
CA VAL A 85 0.08 -9.66 9.02
C VAL A 85 0.25 -11.15 9.33
N GLU A 86 0.07 -11.49 10.60
CA GLU A 86 0.14 -12.88 11.04
C GLU A 86 -0.84 -13.04 12.19
N VAL A 87 -1.78 -13.97 12.05
CA VAL A 87 -2.75 -14.18 13.12
C VAL A 87 -2.57 -15.58 13.68
N CYS A 88 -2.65 -15.69 15.00
CA CYS A 88 -2.53 -16.99 15.65
C CYS A 88 -3.91 -17.33 16.18
N ILE A 89 -4.29 -18.59 16.06
CA ILE A 89 -5.60 -19.03 16.50
C ILE A 89 -5.57 -20.27 17.39
N SER A 90 -5.97 -20.10 18.65
CA SER A 90 -6.00 -21.21 19.59
C SER A 90 -7.43 -21.70 19.62
N PHE A 91 -7.56 -22.99 19.45
CA PHE A 91 -8.83 -23.68 19.35
C PHE A 91 -9.30 -24.36 20.65
N ASN A 92 -10.50 -24.02 21.06
CA ASN A 92 -11.11 -24.55 22.27
C ASN A 92 -12.58 -24.89 21.93
N GLN A 93 -13.13 -25.91 22.60
CA GLN A 93 -14.51 -26.31 22.33
C GLN A 93 -15.59 -25.27 22.64
N THR A 94 -15.28 -24.35 23.55
CA THR A 94 -16.23 -23.32 23.92
C THR A 94 -15.91 -21.96 23.32
N ASP A 95 -14.64 -21.73 22.99
CA ASP A 95 -14.20 -20.44 22.43
C ASP A 95 -13.05 -20.60 21.47
N LEU A 96 -12.72 -19.49 20.80
CA LEU A 96 -11.63 -19.41 19.84
C LEU A 96 -10.84 -18.15 20.23
N THR A 97 -9.53 -18.28 20.38
CA THR A 97 -8.70 -17.13 20.73
C THR A 97 -7.98 -16.67 19.49
N ILE A 98 -8.23 -15.45 19.06
CA ILE A 98 -7.56 -14.92 17.88
C ILE A 98 -6.54 -13.89 18.34
N LYS A 99 -5.28 -14.27 18.32
CA LYS A 99 -4.21 -13.38 18.73
C LYS A 99 -3.63 -12.70 17.51
N LEU A 100 -3.81 -11.38 17.48
CA LEU A 100 -3.38 -10.51 16.40
C LEU A 100 -2.08 -9.78 16.71
N PRO A 101 -1.49 -9.12 15.70
CA PRO A 101 -0.25 -8.39 15.95
C PRO A 101 -0.46 -7.18 16.90
N ASP A 102 0.65 -6.59 17.34
CA ASP A 102 0.64 -5.45 18.26
C ASP A 102 0.08 -5.77 19.65
N GLY A 103 0.02 -7.06 19.98
CA GLY A 103 -0.48 -7.47 21.28
C GLY A 103 -1.99 -7.48 21.49
N TYR A 104 -2.75 -7.37 20.40
CA TYR A 104 -4.20 -7.41 20.54
C TYR A 104 -4.64 -8.86 20.37
N GLU A 105 -5.68 -9.26 21.09
CA GLU A 105 -6.20 -10.62 21.01
C GLU A 105 -7.61 -10.64 21.58
N PHE A 106 -8.53 -11.29 20.89
CA PHE A 106 -9.90 -11.35 21.37
C PHE A 106 -10.39 -12.77 21.38
N LYS A 107 -11.65 -12.95 21.77
CA LYS A 107 -12.22 -14.28 21.80
C LYS A 107 -13.53 -14.29 21.06
N PHE A 108 -13.76 -15.36 20.33
CA PHE A 108 -15.01 -15.49 19.60
C PHE A 108 -15.54 -16.83 20.03
N PRO A 109 -16.83 -16.91 20.35
CA PRO A 109 -17.41 -18.18 20.79
C PRO A 109 -17.46 -19.23 19.70
N ASN A 110 -17.22 -20.48 20.08
CA ASN A 110 -17.22 -21.62 19.16
C ASN A 110 -18.67 -22.08 19.11
N ARG A 111 -19.50 -21.27 18.47
CA ARG A 111 -20.94 -21.51 18.32
C ARG A 111 -21.35 -22.88 17.79
N LEU A 112 -20.43 -23.59 17.14
CA LEU A 112 -20.76 -24.90 16.61
C LEU A 112 -20.28 -26.03 17.50
N ASN A 113 -19.59 -25.68 18.58
CA ASN A 113 -19.07 -26.66 19.54
C ASN A 113 -18.16 -27.66 18.84
N LEU A 114 -17.40 -27.14 17.90
CA LEU A 114 -16.48 -27.93 17.10
C LEU A 114 -15.28 -28.45 17.90
N GLU A 115 -15.03 -29.74 17.80
CA GLU A 115 -13.90 -30.35 18.49
C GLU A 115 -12.71 -30.52 17.56
N ALA A 116 -12.88 -30.12 16.31
CA ALA A 116 -11.81 -30.22 15.33
C ALA A 116 -12.19 -29.37 14.14
N ILE A 117 -11.22 -28.60 13.65
CA ILE A 117 -11.41 -27.73 12.51
C ILE A 117 -10.80 -28.47 11.33
N ASN A 118 -11.65 -28.85 10.37
CA ASN A 118 -11.21 -29.60 9.19
C ASN A 118 -11.12 -28.77 7.92
N TYR A 119 -11.47 -27.50 8.00
CA TYR A 119 -11.48 -26.66 6.84
C TYR A 119 -10.98 -25.25 7.10
N LEU A 120 -10.12 -24.76 6.21
CA LEU A 120 -9.58 -23.41 6.27
C LEU A 120 -9.58 -22.85 4.87
N SER A 121 -9.95 -21.58 4.72
CA SER A 121 -9.92 -20.95 3.40
C SER A 121 -9.64 -19.47 3.59
N ALA A 122 -9.01 -18.88 2.60
CA ALA A 122 -8.69 -17.47 2.64
C ALA A 122 -9.35 -16.77 1.46
N GLY A 123 -9.44 -15.46 1.53
CA GLY A 123 -10.06 -14.70 0.46
C GLY A 123 -9.88 -13.22 0.70
N GLY A 124 -10.44 -12.40 -0.17
CA GLY A 124 -10.30 -10.96 -0.02
C GLY A 124 -8.94 -10.57 -0.55
N ASP A 125 -8.48 -9.39 -0.15
CA ASP A 125 -7.20 -8.87 -0.60
C ASP A 125 -6.08 -9.36 0.32
N PHE A 126 -6.01 -10.67 0.44
CA PHE A 126 -5.02 -11.33 1.29
C PHE A 126 -4.20 -12.26 0.41
N LYS A 127 -2.93 -12.42 0.74
CA LYS A 127 -2.07 -13.32 -0.01
C LYS A 127 -1.35 -14.17 1.01
N ILE A 128 -1.76 -15.44 1.12
CA ILE A 128 -1.14 -16.37 2.06
C ILE A 128 0.32 -16.61 1.74
N LYS A 129 1.17 -16.32 2.71
CA LYS A 129 2.61 -16.53 2.59
C LYS A 129 3.05 -17.74 3.39
N CYS A 130 2.38 -18.00 4.52
CA CYS A 130 2.74 -19.12 5.38
C CYS A 130 1.61 -19.54 6.30
N VAL A 131 1.47 -20.85 6.51
CA VAL A 131 0.46 -21.42 7.39
C VAL A 131 1.16 -22.50 8.25
N ALA A 132 0.95 -22.45 9.56
CA ALA A 132 1.57 -23.41 10.46
C ALA A 132 0.57 -24.02 11.44
N PHE A 133 0.76 -25.30 11.70
CA PHE A 133 -0.10 -26.07 12.63
C PHE A 133 0.90 -26.52 13.68
N GLU A 134 0.91 -25.80 14.80
CA GLU A 134 1.83 -26.06 15.89
C GLU A 134 1.11 -26.44 17.18
N ALA B 1 -3.85 -43.50 4.45
CA ALA B 1 -3.60 -42.37 5.38
C ALA B 1 -3.43 -41.11 4.54
N CYS B 2 -4.37 -40.19 4.67
CA CYS B 2 -4.30 -38.94 3.92
C CYS B 2 -4.42 -37.76 4.86
N GLY B 3 -3.56 -36.78 4.63
CA GLY B 3 -3.52 -35.58 5.43
C GLY B 3 -4.17 -34.42 4.70
N LEU B 4 -3.62 -33.23 4.88
CA LEU B 4 -4.19 -32.06 4.24
C LEU B 4 -4.21 -32.09 2.75
N VAL B 5 -5.23 -31.42 2.22
CA VAL B 5 -5.45 -31.28 0.79
C VAL B 5 -5.58 -29.75 0.61
N ALA B 6 -4.74 -29.16 -0.23
CA ALA B 6 -4.79 -27.72 -0.45
C ALA B 6 -5.07 -27.43 -1.92
N SER B 7 -5.93 -26.44 -2.16
CA SER B 7 -6.28 -26.05 -3.52
C SER B 7 -6.08 -24.54 -3.65
N ASN B 8 -6.18 -24.03 -4.87
CA ASN B 8 -6.00 -22.61 -5.17
C ASN B 8 -4.62 -22.13 -4.76
N LEU B 9 -3.63 -23.00 -4.92
CA LEU B 9 -2.25 -22.68 -4.56
C LEU B 9 -1.64 -21.60 -5.47
N ASN B 10 -1.82 -21.79 -6.77
CA ASN B 10 -1.28 -20.92 -7.80
C ASN B 10 0.21 -20.59 -7.60
N LEU B 11 0.99 -21.63 -7.37
CA LEU B 11 2.43 -21.50 -7.21
C LEU B 11 2.91 -21.37 -8.66
N LYS B 12 3.56 -20.28 -8.99
CA LYS B 12 4.03 -20.08 -10.34
C LYS B 12 5.53 -20.40 -10.44
N PRO B 13 6.03 -20.67 -11.65
CA PRO B 13 7.45 -20.98 -11.82
C PRO B 13 8.31 -19.92 -11.17
N GLY B 14 9.36 -20.36 -10.49
CA GLY B 14 10.26 -19.43 -9.83
C GLY B 14 10.01 -19.42 -8.33
N GLU B 15 8.74 -19.62 -7.96
CA GLU B 15 8.33 -19.64 -6.57
C GLU B 15 8.78 -20.94 -5.91
N CYS B 16 8.99 -20.87 -4.60
CA CYS B 16 9.49 -22.01 -3.83
C CYS B 16 8.46 -22.46 -2.79
N LEU B 17 8.17 -23.75 -2.77
CA LEU B 17 7.22 -24.32 -1.81
C LEU B 17 8.05 -24.99 -0.73
N ARG B 18 7.95 -24.48 0.49
CA ARG B 18 8.67 -25.04 1.61
C ARG B 18 7.66 -25.78 2.50
N VAL B 19 7.84 -27.09 2.65
CA VAL B 19 6.94 -27.89 3.47
C VAL B 19 7.74 -28.53 4.59
N ARG B 20 7.35 -28.25 5.81
CA ARG B 20 8.01 -28.81 6.98
C ARG B 20 6.98 -29.66 7.71
N GLY B 21 7.41 -30.80 8.24
CA GLY B 21 6.48 -31.65 8.95
C GLY B 21 7.18 -32.64 9.85
N GLU B 22 6.41 -33.47 10.52
CA GLU B 22 7.00 -34.44 11.42
C GLU B 22 6.73 -35.87 10.96
N VAL B 23 7.82 -36.62 10.81
CA VAL B 23 7.76 -38.00 10.39
C VAL B 23 7.36 -38.81 11.63
N ALA B 24 6.48 -39.80 11.44
CA ALA B 24 6.03 -40.61 12.56
C ALA B 24 7.13 -41.57 13.03
N ALA B 25 7.00 -42.04 14.26
CA ALA B 25 7.97 -42.97 14.82
C ALA B 25 7.93 -44.28 14.06
N ASP B 26 6.72 -44.77 13.78
CA ASP B 26 6.55 -46.02 13.05
C ASP B 26 6.39 -45.72 11.56
N ALA B 27 7.20 -44.80 11.07
CA ALA B 27 7.13 -44.37 9.68
C ALA B 27 7.50 -45.39 8.64
N LYS B 28 6.51 -45.83 7.86
CA LYS B 28 6.76 -46.77 6.77
C LYS B 28 7.11 -45.91 5.55
N SER B 29 6.45 -44.77 5.44
CA SER B 29 6.69 -43.83 4.34
C SER B 29 5.79 -42.62 4.51
N PHE B 30 5.94 -41.65 3.60
CA PHE B 30 5.13 -40.45 3.60
C PHE B 30 5.21 -39.87 2.21
N LEU B 31 4.30 -38.95 1.87
CA LEU B 31 4.28 -38.41 0.53
C LEU B 31 3.72 -37.03 0.44
N LEU B 32 4.03 -36.38 -0.68
CA LEU B 32 3.57 -35.04 -0.99
C LEU B 32 3.19 -35.04 -2.46
N ASN B 33 1.99 -34.59 -2.75
CA ASN B 33 1.49 -34.55 -4.12
C ASN B 33 1.27 -33.12 -4.56
N LEU B 34 1.80 -32.80 -5.73
CA LEU B 34 1.68 -31.46 -6.30
C LEU B 34 1.20 -31.56 -7.74
N GLY B 35 0.18 -30.79 -8.09
CA GLY B 35 -0.33 -30.84 -9.44
C GLY B 35 -1.52 -29.93 -9.59
N LYS B 36 -2.43 -30.24 -10.51
CA LYS B 36 -3.63 -29.43 -10.69
C LYS B 36 -4.82 -30.04 -9.94
N ASP B 37 -4.79 -31.36 -9.78
CA ASP B 37 -5.82 -32.11 -9.05
C ASP B 37 -5.26 -33.50 -8.71
N ASP B 38 -6.02 -34.31 -7.98
CA ASP B 38 -5.50 -35.62 -7.61
C ASP B 38 -5.19 -36.56 -8.75
N ASN B 39 -5.92 -36.45 -9.85
CA ASN B 39 -5.67 -37.33 -10.98
C ASN B 39 -4.64 -36.75 -11.93
N ASN B 40 -4.03 -35.63 -11.56
CA ASN B 40 -3.04 -34.98 -12.42
C ASN B 40 -1.97 -34.31 -11.58
N LEU B 41 -0.91 -35.07 -11.28
CA LEU B 41 0.20 -34.58 -10.46
C LEU B 41 1.53 -34.50 -11.18
N CYS B 42 2.21 -33.37 -11.04
CA CYS B 42 3.52 -33.21 -11.68
C CYS B 42 4.60 -33.81 -10.79
N LEU B 43 4.28 -33.98 -9.50
CA LEU B 43 5.24 -34.56 -8.56
C LEU B 43 4.60 -35.36 -7.43
N HIS B 44 4.88 -36.66 -7.41
CA HIS B 44 4.41 -37.54 -6.35
C HIS B 44 5.70 -37.90 -5.61
N PHE B 45 6.10 -37.04 -4.67
CA PHE B 45 7.31 -37.21 -3.87
C PHE B 45 7.02 -38.25 -2.80
N ASN B 46 7.64 -39.42 -2.88
CA ASN B 46 7.33 -40.47 -1.89
C ASN B 46 8.50 -41.18 -1.18
N PRO B 47 8.95 -40.61 -0.05
CA PRO B 47 10.04 -41.21 0.72
C PRO B 47 9.54 -42.52 1.31
N ARG B 48 10.24 -43.60 1.01
CA ARG B 48 9.86 -44.92 1.49
C ARG B 48 10.88 -45.48 2.44
N PHE B 49 10.53 -45.49 3.74
CA PHE B 49 11.41 -46.03 4.77
C PHE B 49 11.43 -47.53 4.52
N ASN B 50 10.24 -48.09 4.41
CA ASN B 50 10.03 -49.51 4.17
C ASN B 50 8.60 -49.63 3.65
N ALA B 51 8.42 -49.52 2.34
CA ALA B 51 7.08 -49.59 1.74
C ALA B 51 7.07 -49.92 0.26
N HIS B 52 6.07 -50.70 -0.16
CA HIS B 52 5.90 -51.11 -1.55
C HIS B 52 7.17 -51.75 -2.11
N GLY B 53 7.95 -52.39 -1.24
CA GLY B 53 9.17 -53.04 -1.67
C GLY B 53 10.44 -52.21 -1.55
N ASP B 54 10.32 -50.91 -1.32
CA ASP B 54 11.48 -50.05 -1.20
C ASP B 54 11.88 -49.71 0.22
N VAL B 55 13.18 -49.89 0.51
CA VAL B 55 13.75 -49.60 1.81
C VAL B 55 14.63 -48.36 1.65
N ASN B 56 14.34 -47.32 2.41
CA ASN B 56 15.10 -46.08 2.37
C ASN B 56 15.31 -45.50 0.98
N THR B 57 14.26 -45.55 0.17
CA THR B 57 14.33 -45.02 -1.19
C THR B 57 13.24 -43.99 -1.42
N ILE B 58 13.59 -42.92 -2.13
CA ILE B 58 12.63 -41.86 -2.45
C ILE B 58 12.06 -42.21 -3.82
N VAL B 59 10.75 -42.39 -3.91
CA VAL B 59 10.12 -42.71 -5.18
C VAL B 59 9.40 -41.47 -5.66
N CYS B 60 9.66 -41.06 -6.89
CA CYS B 60 9.03 -39.89 -7.45
C CYS B 60 8.33 -40.34 -8.71
N ASN B 61 7.15 -39.79 -8.97
CA ASN B 61 6.40 -40.11 -10.16
C ASN B 61 5.46 -38.97 -10.52
N SER B 62 4.81 -39.12 -11.67
CA SER B 62 3.82 -38.16 -12.16
C SER B 62 2.57 -39.01 -12.27
N LYS B 63 1.44 -38.34 -12.48
CA LYS B 63 0.17 -39.03 -12.61
C LYS B 63 -0.55 -38.22 -13.66
N ASP B 64 -0.92 -38.85 -14.75
CA ASP B 64 -1.61 -38.15 -15.80
C ASP B 64 -3.00 -38.73 -15.97
N ALA B 65 -4.01 -37.92 -15.64
CA ALA B 65 -5.40 -38.35 -15.75
C ALA B 65 -5.65 -39.65 -14.97
N GLY B 66 -4.91 -39.88 -13.90
CA GLY B 66 -5.12 -41.09 -13.13
C GLY B 66 -4.08 -42.19 -13.34
N ALA B 67 -3.28 -42.06 -14.39
CA ALA B 67 -2.24 -43.06 -14.69
C ALA B 67 -0.87 -42.63 -14.16
N TRP B 68 -0.28 -43.44 -13.29
CA TRP B 68 1.05 -43.15 -12.75
C TRP B 68 2.03 -43.26 -13.90
N GLY B 69 3.08 -42.43 -13.89
CA GLY B 69 4.07 -42.49 -14.94
C GLY B 69 5.22 -43.40 -14.56
N ALA B 70 6.37 -43.17 -15.18
CA ALA B 70 7.56 -43.97 -14.90
C ALA B 70 8.17 -43.45 -13.59
N GLU B 71 8.49 -44.36 -12.68
CA GLU B 71 9.06 -43.95 -11.41
C GLU B 71 10.51 -43.63 -11.51
N GLN B 72 10.94 -42.71 -10.67
CA GLN B 72 12.34 -42.29 -10.59
C GLN B 72 12.65 -42.53 -9.14
N ARG B 73 13.73 -43.24 -8.88
CA ARG B 73 14.11 -43.52 -7.51
C ARG B 73 15.42 -42.85 -7.16
N GLU B 74 15.46 -42.24 -5.99
CA GLU B 74 16.64 -41.55 -5.51
C GLU B 74 17.15 -42.33 -4.31
N SER B 75 18.46 -42.53 -4.26
CA SER B 75 19.08 -43.28 -3.18
C SER B 75 19.45 -42.44 -1.98
N ALA B 76 19.22 -41.13 -2.08
CA ALA B 76 19.53 -40.21 -0.99
C ALA B 76 18.32 -40.23 -0.07
N PHE B 77 18.51 -40.67 1.17
CA PHE B 77 17.41 -40.74 2.12
C PHE B 77 17.80 -40.16 3.46
N PRO B 78 17.88 -38.84 3.56
CA PRO B 78 18.26 -38.17 4.80
C PRO B 78 17.16 -38.10 5.84
N PHE B 79 16.26 -39.09 5.87
CA PHE B 79 15.15 -39.05 6.82
C PHE B 79 15.25 -40.11 7.89
N GLN B 80 14.81 -39.76 9.10
CA GLN B 80 14.81 -40.66 10.23
C GLN B 80 13.40 -40.65 10.80
N PRO B 81 12.90 -41.80 11.26
CA PRO B 81 11.56 -41.82 11.83
C PRO B 81 11.51 -40.88 13.03
N GLY B 82 10.34 -40.34 13.31
CA GLY B 82 10.16 -39.46 14.45
C GLY B 82 10.83 -38.10 14.45
N SER B 83 11.37 -37.68 13.30
CA SER B 83 12.04 -36.39 13.21
C SER B 83 11.21 -35.33 12.51
N VAL B 84 11.58 -34.07 12.70
CA VAL B 84 10.90 -32.96 12.06
C VAL B 84 11.72 -32.64 10.83
N VAL B 85 11.16 -32.93 9.66
CA VAL B 85 11.86 -32.71 8.41
C VAL B 85 11.25 -31.62 7.54
N GLU B 86 12.13 -30.82 6.97
CA GLU B 86 11.73 -29.74 6.10
C GLU B 86 12.16 -30.17 4.71
N VAL B 87 11.34 -29.82 3.73
CA VAL B 87 11.61 -30.15 2.33
C VAL B 87 11.29 -28.88 1.54
N CYS B 88 11.98 -28.67 0.44
CA CYS B 88 11.75 -27.48 -0.37
C CYS B 88 11.68 -27.86 -1.85
N ILE B 89 10.62 -27.44 -2.53
CA ILE B 89 10.41 -27.78 -3.93
C ILE B 89 10.28 -26.49 -4.75
N SER B 90 11.18 -26.28 -5.71
CA SER B 90 11.09 -25.10 -6.54
C SER B 90 10.45 -25.52 -7.86
N PHE B 91 9.46 -24.75 -8.28
CA PHE B 91 8.74 -25.05 -9.50
C PHE B 91 9.43 -24.46 -10.73
N ASN B 92 9.23 -25.11 -11.87
CA ASN B 92 9.76 -24.66 -13.15
C ASN B 92 9.11 -25.50 -14.24
N GLN B 93 8.82 -24.90 -15.39
CA GLN B 93 8.18 -25.65 -16.46
C GLN B 93 9.03 -26.78 -17.02
N THR B 94 10.36 -26.58 -17.06
CA THR B 94 11.27 -27.60 -17.56
C THR B 94 11.25 -28.82 -16.61
N ASP B 95 11.33 -28.55 -15.31
CA ASP B 95 11.32 -29.61 -14.31
C ASP B 95 11.17 -29.05 -12.89
N LEU B 96 11.19 -29.94 -11.91
CA LEU B 96 11.08 -29.59 -10.50
C LEU B 96 12.41 -29.89 -9.82
N THR B 97 12.79 -29.07 -8.85
CA THR B 97 14.05 -29.27 -8.13
C THR B 97 13.72 -29.47 -6.65
N ILE B 98 14.19 -30.57 -6.08
CA ILE B 98 13.91 -30.84 -4.69
C ILE B 98 15.11 -30.69 -3.78
N LYS B 99 14.90 -29.97 -2.68
CA LYS B 99 15.89 -29.69 -1.67
C LYS B 99 15.52 -30.50 -0.45
N LEU B 100 16.39 -31.45 -0.09
CA LEU B 100 16.19 -32.31 1.07
C LEU B 100 16.79 -31.59 2.29
N PRO B 101 16.52 -32.10 3.50
CA PRO B 101 17.02 -31.50 4.75
C PRO B 101 18.54 -31.26 4.80
N ASP B 102 19.31 -32.16 4.19
CA ASP B 102 20.76 -32.03 4.21
C ASP B 102 21.36 -31.03 3.20
N GLY B 103 20.54 -30.58 2.26
CA GLY B 103 21.02 -29.66 1.26
C GLY B 103 21.24 -30.37 -0.06
N TYR B 104 20.85 -31.65 -0.14
CA TYR B 104 21.00 -32.43 -1.35
C TYR B 104 19.88 -32.06 -2.32
N GLU B 105 20.24 -31.74 -3.55
CA GLU B 105 19.25 -31.37 -4.55
C GLU B 105 19.27 -32.35 -5.69
N PHE B 106 18.12 -32.53 -6.32
CA PHE B 106 17.98 -33.41 -7.46
C PHE B 106 16.77 -32.95 -8.25
N LYS B 107 16.77 -33.18 -9.55
CA LYS B 107 15.67 -32.76 -10.39
C LYS B 107 14.70 -33.87 -10.70
N PHE B 108 13.50 -33.49 -11.11
CA PHE B 108 12.47 -34.43 -11.54
C PHE B 108 11.81 -33.75 -12.72
N PRO B 109 11.76 -34.42 -13.88
CA PRO B 109 11.13 -33.79 -15.04
C PRO B 109 9.66 -33.39 -14.85
N ASN B 110 9.31 -32.21 -15.36
CA ASN B 110 7.94 -31.70 -15.27
C ASN B 110 7.17 -32.30 -16.46
N ARG B 111 6.76 -33.55 -16.33
CA ARG B 111 6.07 -34.26 -17.39
C ARG B 111 4.76 -33.70 -17.95
N LEU B 112 3.90 -33.14 -17.10
CA LEU B 112 2.62 -32.60 -17.56
C LEU B 112 2.77 -31.20 -18.15
N ASN B 113 3.97 -30.64 -18.01
CA ASN B 113 4.27 -29.29 -18.50
C ASN B 113 3.33 -28.25 -17.89
N LEU B 114 3.01 -28.47 -16.62
CA LEU B 114 2.15 -27.57 -15.87
C LEU B 114 2.85 -26.25 -15.70
N GLU B 115 2.12 -25.16 -15.95
CA GLU B 115 2.66 -23.82 -15.82
C GLU B 115 2.32 -23.24 -14.44
N ALA B 116 1.63 -24.02 -13.62
CA ALA B 116 1.22 -23.57 -12.30
C ALA B 116 0.67 -24.71 -11.45
N ILE B 117 1.18 -24.82 -10.22
CA ILE B 117 0.72 -25.86 -9.29
C ILE B 117 -0.42 -25.29 -8.44
N ASN B 118 -1.56 -25.99 -8.44
CA ASN B 118 -2.74 -25.55 -7.71
C ASN B 118 -3.21 -26.53 -6.64
N TYR B 119 -2.63 -27.71 -6.64
CA TYR B 119 -3.01 -28.75 -5.69
C TYR B 119 -1.83 -29.23 -4.87
N LEU B 120 -2.09 -29.49 -3.59
CA LEU B 120 -1.09 -30.01 -2.66
C LEU B 120 -1.82 -31.02 -1.80
N SER B 121 -1.15 -32.09 -1.45
CA SER B 121 -1.77 -33.12 -0.65
C SER B 121 -0.66 -33.86 0.08
N ALA B 122 -0.91 -34.22 1.32
CA ALA B 122 0.06 -34.94 2.14
C ALA B 122 -0.54 -36.30 2.47
N GLY B 123 0.30 -37.23 2.87
CA GLY B 123 -0.22 -38.55 3.20
C GLY B 123 0.84 -39.38 3.88
N GLY B 124 0.53 -40.64 4.14
CA GLY B 124 1.48 -41.50 4.80
C GLY B 124 1.66 -41.08 6.25
N ASP B 125 2.75 -41.54 6.85
CA ASP B 125 3.08 -41.29 8.25
C ASP B 125 3.84 -39.99 8.38
N PHE B 126 3.12 -38.88 8.28
CA PHE B 126 3.75 -37.57 8.31
C PHE B 126 2.70 -36.58 8.77
N LYS B 127 3.13 -35.52 9.46
CA LYS B 127 2.22 -34.48 9.94
C LYS B 127 2.72 -33.12 9.51
N ILE B 128 2.06 -32.49 8.54
CA ILE B 128 2.48 -31.17 8.08
C ILE B 128 2.37 -30.12 9.20
N LYS B 129 3.49 -29.49 9.54
CA LYS B 129 3.48 -28.49 10.58
C LYS B 129 3.58 -27.08 9.99
N CYS B 130 4.00 -26.97 8.73
CA CYS B 130 4.12 -25.67 8.11
C CYS B 130 4.23 -25.75 6.60
N VAL B 131 3.57 -24.82 5.93
CA VAL B 131 3.63 -24.73 4.48
C VAL B 131 3.96 -23.26 4.19
N ALA B 132 5.09 -23.01 3.52
CA ALA B 132 5.50 -21.64 3.22
C ALA B 132 5.70 -21.38 1.73
N PHE B 133 5.12 -20.29 1.25
CA PHE B 133 5.20 -19.90 -0.14
C PHE B 133 6.29 -18.85 -0.27
N GLU B 134 7.27 -19.09 -1.13
CA GLU B 134 8.39 -18.17 -1.33
C GLU B 134 8.74 -18.02 -2.81
N ALA C 1 -4.11 17.48 -13.00
CA ALA C 1 -4.73 18.61 -13.75
C ALA C 1 -3.69 19.33 -14.61
N CYS C 2 -4.17 19.95 -15.69
CA CYS C 2 -3.33 20.68 -16.62
C CYS C 2 -2.47 21.74 -15.95
N GLY C 3 -3.05 22.46 -15.00
CA GLY C 3 -2.30 23.50 -14.31
C GLY C 3 -1.51 23.01 -13.11
N LEU C 4 -1.32 23.88 -12.13
CA LEU C 4 -0.58 23.59 -10.91
C LEU C 4 -0.94 22.26 -10.25
N VAL C 5 0.08 21.45 -9.97
CA VAL C 5 -0.12 20.16 -9.34
C VAL C 5 0.81 20.10 -8.12
N ALA C 6 0.22 19.88 -6.95
CA ALA C 6 0.98 19.80 -5.72
C ALA C 6 0.66 18.49 -5.01
N SER C 7 1.70 17.73 -4.68
CA SER C 7 1.54 16.47 -3.99
C SER C 7 2.36 16.55 -2.71
N ASN C 8 2.33 15.49 -1.92
CA ASN C 8 3.06 15.41 -0.67
C ASN C 8 2.62 16.39 0.38
N LEU C 9 1.58 17.19 0.09
CA LEU C 9 1.08 18.13 1.08
C LEU C 9 0.25 17.25 2.00
N ASN C 10 0.57 17.26 3.28
CA ASN C 10 -0.14 16.44 4.25
C ASN C 10 -1.18 17.27 4.97
N LEU C 11 -2.39 17.31 4.42
CA LEU C 11 -3.47 18.07 5.00
C LEU C 11 -4.40 17.18 5.82
N LYS C 12 -4.21 17.17 7.13
CA LYS C 12 -5.04 16.38 8.03
C LYS C 12 -6.26 17.23 8.38
N PRO C 13 -7.31 16.60 8.94
CA PRO C 13 -8.54 17.31 9.30
C PRO C 13 -8.32 18.53 10.19
N GLY C 14 -9.34 19.39 10.26
CA GLY C 14 -9.25 20.58 11.08
C GLY C 14 -8.53 21.75 10.43
N GLU C 15 -7.60 21.45 9.54
CA GLU C 15 -6.83 22.48 8.86
C GLU C 15 -7.62 23.15 7.73
N CYS C 16 -7.23 24.36 7.39
CA CYS C 16 -7.88 25.13 6.33
C CYS C 16 -6.95 25.41 5.15
N LEU C 17 -7.33 24.92 3.97
CA LEU C 17 -6.56 25.14 2.74
C LEU C 17 -7.07 26.40 2.08
N ARG C 18 -6.28 27.47 2.10
CA ARG C 18 -6.68 28.74 1.50
C ARG C 18 -6.00 28.95 0.14
N VAL C 19 -6.80 28.82 -0.92
CA VAL C 19 -6.34 28.99 -2.28
C VAL C 19 -6.89 30.28 -2.87
N ARG C 20 -6.02 31.04 -3.52
CA ARG C 20 -6.40 32.30 -4.14
C ARG C 20 -5.82 32.36 -5.53
N GLY C 21 -6.63 32.77 -6.51
CA GLY C 21 -6.14 32.83 -7.88
C GLY C 21 -6.94 33.77 -8.75
N GLU C 22 -6.50 33.95 -9.99
CA GLU C 22 -7.17 34.83 -10.93
C GLU C 22 -7.88 34.04 -12.02
N VAL C 23 -9.18 34.29 -12.15
CA VAL C 23 -10.01 33.63 -13.15
C VAL C 23 -9.85 34.33 -14.49
N ALA C 24 -9.77 33.55 -15.57
CA ALA C 24 -9.61 34.10 -16.91
C ALA C 24 -10.79 34.97 -17.31
N ALA C 25 -10.51 36.11 -17.93
CA ALA C 25 -11.55 37.04 -18.38
C ALA C 25 -12.45 36.37 -19.42
N ASP C 26 -11.91 35.35 -20.07
CA ASP C 26 -12.61 34.59 -21.10
C ASP C 26 -12.98 33.22 -20.52
N ALA C 27 -13.14 33.14 -19.20
CA ALA C 27 -13.44 31.88 -18.54
C ALA C 27 -14.73 31.19 -18.95
N LYS C 28 -14.71 29.87 -18.88
CA LYS C 28 -15.86 29.01 -19.18
C LYS C 28 -16.03 28.18 -17.92
N SER C 29 -14.90 27.88 -17.28
CA SER C 29 -14.88 27.14 -16.02
C SER C 29 -13.44 26.91 -15.55
N PHE C 30 -13.28 26.69 -14.24
CA PHE C 30 -11.99 26.39 -13.66
C PHE C 30 -12.28 25.30 -12.64
N LEU C 31 -11.25 24.75 -12.00
CA LEU C 31 -11.51 23.69 -11.06
C LEU C 31 -10.40 23.49 -10.06
N LEU C 32 -10.71 22.72 -9.03
CA LEU C 32 -9.77 22.40 -7.98
C LEU C 32 -10.05 20.95 -7.61
N ASN C 33 -8.99 20.17 -7.51
CA ASN C 33 -9.13 18.76 -7.14
C ASN C 33 -8.32 18.47 -5.89
N LEU C 34 -8.99 17.92 -4.88
CA LEU C 34 -8.34 17.55 -3.63
C LEU C 34 -8.48 16.05 -3.38
N GLY C 35 -7.39 15.37 -3.02
CA GLY C 35 -7.47 13.94 -2.76
C GLY C 35 -6.10 13.32 -2.49
N LYS C 36 -5.97 12.01 -2.62
CA LYS C 36 -4.68 11.38 -2.41
C LYS C 36 -3.88 11.38 -3.71
N ASP C 37 -4.59 11.29 -4.83
CA ASP C 37 -3.94 11.33 -6.13
C ASP C 37 -4.90 11.78 -7.23
N ASP C 38 -4.50 11.62 -8.48
CA ASP C 38 -5.33 12.01 -9.61
C ASP C 38 -6.56 11.15 -9.81
N ASN C 39 -6.48 9.87 -9.46
CA ASN C 39 -7.60 8.95 -9.61
C ASN C 39 -8.42 8.69 -8.35
N ASN C 40 -8.10 9.39 -7.27
CA ASN C 40 -8.82 9.22 -6.02
C ASN C 40 -8.93 10.58 -5.34
N LEU C 41 -9.99 11.31 -5.67
CA LEU C 41 -10.23 12.65 -5.13
C LEU C 41 -11.42 12.68 -4.21
N CYS C 42 -11.30 13.44 -3.12
CA CYS C 42 -12.40 13.56 -2.17
C CYS C 42 -13.25 14.79 -2.54
N LEU C 43 -12.67 15.69 -3.33
CA LEU C 43 -13.37 16.90 -3.74
C LEU C 43 -12.97 17.44 -5.11
N HIS C 44 -13.93 17.41 -6.03
CA HIS C 44 -13.75 17.94 -7.37
C HIS C 44 -14.65 19.16 -7.36
N PHE C 45 -14.04 20.34 -7.17
CA PHE C 45 -14.75 21.64 -7.11
C PHE C 45 -14.69 22.20 -8.52
N ASN C 46 -15.85 22.40 -9.15
CA ASN C 46 -15.86 22.90 -10.52
C ASN C 46 -16.86 24.01 -10.84
N PRO C 47 -16.46 25.26 -10.62
CA PRO C 47 -17.37 26.37 -10.92
C PRO C 47 -17.48 26.50 -12.44
N ARG C 48 -18.70 26.34 -12.95
CA ARG C 48 -18.94 26.43 -14.40
C ARG C 48 -19.67 27.70 -14.79
N PHE C 49 -18.99 28.59 -15.50
CA PHE C 49 -19.61 29.83 -15.99
C PHE C 49 -20.55 29.41 -17.11
N ASN C 50 -20.00 28.77 -18.13
CA ASN C 50 -20.77 28.27 -19.27
C ASN C 50 -19.98 27.09 -19.81
N ALA C 51 -20.26 25.90 -19.31
CA ALA C 51 -19.53 24.72 -19.74
C ALA C 51 -20.26 23.45 -19.37
N HIS C 52 -20.20 22.46 -20.27
CA HIS C 52 -20.82 21.15 -20.07
C HIS C 52 -22.35 21.18 -19.90
N GLY C 53 -22.97 22.30 -20.22
CA GLY C 53 -24.42 22.39 -20.09
C GLY C 53 -24.79 23.08 -18.78
N ASP C 54 -23.78 23.62 -18.12
CA ASP C 54 -23.97 24.33 -16.87
C ASP C 54 -23.65 25.79 -17.06
N VAL C 55 -24.53 26.64 -16.53
CA VAL C 55 -24.37 28.07 -16.61
C VAL C 55 -24.37 28.67 -15.20
N ASN C 56 -23.30 29.39 -14.86
CA ASN C 56 -23.16 30.02 -13.55
C ASN C 56 -23.61 29.08 -12.45
N THR C 57 -22.97 27.91 -12.42
CA THR C 57 -23.29 26.86 -11.45
C THR C 57 -22.07 26.05 -11.03
N ILE C 58 -21.84 26.01 -9.71
CA ILE C 58 -20.70 25.26 -9.18
C ILE C 58 -21.07 23.80 -9.11
N VAL C 59 -20.26 22.96 -9.75
CA VAL C 59 -20.48 21.52 -9.73
C VAL C 59 -19.37 20.92 -8.87
N CYS C 60 -19.75 20.12 -7.89
CA CYS C 60 -18.79 19.46 -7.01
C CYS C 60 -19.04 17.97 -7.19
N ASN C 61 -18.02 17.17 -6.91
CA ASN C 61 -18.13 15.74 -7.03
C ASN C 61 -16.88 15.08 -6.46
N SER C 62 -16.98 13.81 -6.08
CA SER C 62 -15.84 13.08 -5.55
C SER C 62 -15.25 12.28 -6.72
N LYS C 63 -14.23 11.48 -6.46
CA LYS C 63 -13.60 10.66 -7.48
C LYS C 63 -13.01 9.46 -6.75
N ASP C 64 -13.39 8.26 -7.17
CA ASP C 64 -12.92 7.03 -6.53
C ASP C 64 -12.53 5.99 -7.59
N ALA C 65 -11.28 5.57 -7.56
CA ALA C 65 -10.77 4.58 -8.52
C ALA C 65 -10.84 5.07 -9.97
N GLY C 66 -11.32 6.30 -10.14
CA GLY C 66 -11.46 6.89 -11.45
C GLY C 66 -12.92 7.00 -11.84
N ALA C 67 -13.81 6.70 -10.90
CA ALA C 67 -15.24 6.75 -11.17
C ALA C 67 -15.88 7.92 -10.44
N TRP C 68 -16.51 8.82 -11.20
CA TRP C 68 -17.16 10.00 -10.62
C TRP C 68 -18.39 9.63 -9.82
N GLY C 69 -18.67 10.39 -8.77
CA GLY C 69 -19.82 10.12 -7.93
C GLY C 69 -21.01 10.99 -8.30
N ALA C 70 -22.06 10.95 -7.49
CA ALA C 70 -23.23 11.76 -7.77
C ALA C 70 -22.77 13.21 -7.66
N GLU C 71 -23.21 14.06 -8.58
CA GLU C 71 -22.80 15.46 -8.56
C GLU C 71 -23.56 16.25 -7.50
N GLN C 72 -23.12 17.47 -7.25
CA GLN C 72 -23.78 18.35 -6.30
C GLN C 72 -23.69 19.73 -6.93
N ARG C 73 -24.83 20.41 -7.02
CA ARG C 73 -24.85 21.73 -7.62
C ARG C 73 -25.23 22.82 -6.64
N GLU C 74 -24.56 23.95 -6.76
CA GLU C 74 -24.83 25.11 -5.91
C GLU C 74 -25.24 26.25 -6.82
N SER C 75 -26.38 26.85 -6.52
CA SER C 75 -26.89 27.97 -7.31
C SER C 75 -26.02 29.22 -7.07
N ALA C 76 -25.37 29.25 -5.91
CA ALA C 76 -24.50 30.37 -5.55
C ALA C 76 -23.35 30.42 -6.52
N PHE C 77 -23.08 31.60 -7.07
CA PHE C 77 -21.99 31.76 -8.02
C PHE C 77 -21.37 33.14 -7.85
N PRO C 78 -20.55 33.31 -6.82
CA PRO C 78 -19.88 34.58 -6.52
C PRO C 78 -18.55 34.69 -7.25
N PHE C 79 -18.57 34.54 -8.57
CA PHE C 79 -17.34 34.63 -9.36
C PHE C 79 -17.59 35.41 -10.63
N GLN C 80 -16.54 36.06 -11.12
CA GLN C 80 -16.62 36.84 -12.34
C GLN C 80 -15.24 36.77 -12.98
N PRO C 81 -15.18 36.57 -14.29
CA PRO C 81 -13.90 36.49 -15.01
C PRO C 81 -13.07 37.74 -14.83
N GLY C 82 -11.74 37.59 -14.92
CA GLY C 82 -10.84 38.71 -14.77
C GLY C 82 -10.46 39.02 -13.34
N SER C 83 -11.34 38.67 -12.39
CA SER C 83 -11.10 38.92 -10.97
C SER C 83 -10.14 37.94 -10.30
N VAL C 84 -9.79 38.23 -9.05
CA VAL C 84 -8.90 37.39 -8.26
C VAL C 84 -9.68 36.94 -7.03
N VAL C 85 -10.30 35.76 -7.13
CA VAL C 85 -11.09 35.24 -6.03
C VAL C 85 -10.27 34.34 -5.12
N GLU C 86 -10.85 34.03 -3.96
CA GLU C 86 -10.21 33.16 -2.97
C GLU C 86 -11.23 32.19 -2.43
N VAL C 87 -10.82 30.95 -2.24
CA VAL C 87 -11.71 29.94 -1.70
C VAL C 87 -10.96 29.19 -0.60
N CYS C 88 -11.63 28.91 0.49
CA CYS C 88 -10.98 28.21 1.59
C CYS C 88 -11.69 26.88 1.76
N ILE C 89 -10.91 25.82 1.91
CA ILE C 89 -11.45 24.48 2.07
C ILE C 89 -11.01 23.96 3.43
N SER C 90 -11.96 23.64 4.30
CA SER C 90 -11.63 23.11 5.60
C SER C 90 -11.91 21.62 5.54
N PHE C 91 -10.87 20.82 5.71
CA PHE C 91 -10.98 19.37 5.67
C PHE C 91 -11.52 18.82 7.00
N ASN C 92 -12.55 18.00 6.92
CA ASN C 92 -13.16 17.41 8.11
C ASN C 92 -13.33 15.93 7.85
N GLN C 93 -12.99 15.13 8.86
CA GLN C 93 -13.07 13.68 8.80
C GLN C 93 -14.37 13.10 8.25
N THR C 94 -15.48 13.82 8.41
CA THR C 94 -16.76 13.34 7.91
C THR C 94 -17.21 14.03 6.64
N ASP C 95 -16.79 15.27 6.43
CA ASP C 95 -17.22 16.03 5.26
C ASP C 95 -16.45 17.34 5.10
N LEU C 96 -16.22 17.76 3.87
CA LEU C 96 -15.47 18.99 3.60
C LEU C 96 -16.30 20.27 3.58
N THR C 97 -15.69 21.36 4.06
CA THR C 97 -16.34 22.67 4.08
C THR C 97 -15.67 23.59 3.06
N ILE C 98 -16.46 24.18 2.18
CA ILE C 98 -15.93 25.10 1.18
C ILE C 98 -16.50 26.48 1.50
N LYS C 99 -15.66 27.51 1.46
CA LYS C 99 -16.08 28.89 1.70
C LYS C 99 -15.64 29.75 0.51
N LEU C 100 -16.61 30.39 -0.13
CA LEU C 100 -16.35 31.22 -1.31
C LEU C 100 -15.91 32.64 -0.96
N PRO C 101 -15.39 33.40 -1.97
CA PRO C 101 -14.91 34.77 -1.79
C PRO C 101 -15.91 35.81 -1.31
N ASP C 102 -17.17 35.42 -1.12
CA ASP C 102 -18.19 36.36 -0.68
C ASP C 102 -18.61 36.16 0.78
N GLY C 103 -18.24 34.99 1.32
CA GLY C 103 -18.58 34.66 2.68
C GLY C 103 -19.41 33.40 2.70
N TYR C 104 -20.18 33.18 1.63
CA TYR C 104 -21.03 32.00 1.51
C TYR C 104 -20.20 30.73 1.63
N GLU C 105 -20.79 29.70 2.22
CA GLU C 105 -20.10 28.43 2.37
C GLU C 105 -21.01 27.24 2.52
N PHE C 106 -20.69 26.18 1.80
CA PHE C 106 -21.47 24.95 1.81
C PHE C 106 -20.52 23.79 2.11
N LYS C 107 -21.06 22.59 2.25
CA LYS C 107 -20.24 21.43 2.57
C LYS C 107 -20.49 20.31 1.59
N PHE C 108 -19.52 19.40 1.48
CA PHE C 108 -19.59 18.26 0.57
C PHE C 108 -19.13 17.02 1.31
N PRO C 109 -19.90 15.92 1.21
CA PRO C 109 -19.57 14.66 1.87
C PRO C 109 -18.24 14.06 1.46
N ASN C 110 -17.43 13.72 2.46
CA ASN C 110 -16.12 13.11 2.23
C ASN C 110 -16.36 11.63 1.97
N ARG C 111 -17.00 11.37 0.83
CA ARG C 111 -17.34 10.02 0.42
C ARG C 111 -16.18 9.03 0.55
N LEU C 112 -14.95 9.54 0.39
CA LEU C 112 -13.76 8.70 0.44
C LEU C 112 -13.24 8.30 1.83
N ASN C 113 -13.69 8.99 2.86
CA ASN C 113 -13.25 8.69 4.23
C ASN C 113 -11.73 8.68 4.33
N LEU C 114 -11.10 9.63 3.65
CA LEU C 114 -9.65 9.73 3.64
C LEU C 114 -9.13 10.37 4.92
N GLU C 115 -7.93 9.94 5.33
CA GLU C 115 -7.30 10.44 6.55
C GLU C 115 -6.68 11.81 6.36
N ALA C 116 -6.11 12.04 5.17
CA ALA C 116 -5.48 13.32 4.86
C ALA C 116 -5.37 13.50 3.35
N ILE C 117 -5.47 14.76 2.93
CA ILE C 117 -5.36 15.07 1.51
C ILE C 117 -3.87 15.25 1.20
N ASN C 118 -3.39 14.54 0.18
CA ASN C 118 -1.99 14.61 -0.20
C ASN C 118 -1.80 15.05 -1.66
N TYR C 119 -2.85 15.60 -2.26
CA TYR C 119 -2.78 16.03 -3.65
C TYR C 119 -3.74 17.21 -3.87
N LEU C 120 -3.30 18.16 -4.67
CA LEU C 120 -4.07 19.35 -5.02
C LEU C 120 -3.72 19.73 -6.44
N SER C 121 -4.73 19.76 -7.32
CA SER C 121 -4.48 20.18 -8.68
C SER C 121 -5.52 21.19 -9.13
N ALA C 122 -5.07 22.19 -9.87
CA ALA C 122 -5.93 23.23 -10.40
C ALA C 122 -5.96 23.06 -11.91
N GLY C 123 -7.07 23.44 -12.52
CA GLY C 123 -7.20 23.34 -13.96
C GLY C 123 -8.29 24.29 -14.43
N GLY C 124 -8.44 24.41 -15.74
CA GLY C 124 -9.45 25.29 -16.28
C GLY C 124 -8.86 26.66 -16.52
N ASP C 125 -9.72 27.67 -16.57
CA ASP C 125 -9.28 29.04 -16.82
C ASP C 125 -9.00 29.74 -15.49
N PHE C 126 -8.08 29.17 -14.71
CA PHE C 126 -7.75 29.72 -13.40
C PHE C 126 -6.24 29.78 -13.25
N LYS C 127 -5.76 30.86 -12.67
CA LYS C 127 -4.33 31.09 -12.43
C LYS C 127 -4.09 31.16 -10.92
N ILE C 128 -3.68 30.05 -10.32
CA ILE C 128 -3.41 30.02 -8.88
C ILE C 128 -2.39 31.10 -8.57
N LYS C 129 -2.63 31.86 -7.52
CA LYS C 129 -1.71 32.92 -7.12
C LYS C 129 -1.14 32.64 -5.75
N CYS C 130 -1.89 31.95 -4.92
CA CYS C 130 -1.42 31.65 -3.58
C CYS C 130 -2.10 30.42 -2.99
N VAL C 131 -1.31 29.61 -2.31
CA VAL C 131 -1.79 28.38 -1.69
C VAL C 131 -1.32 28.42 -0.24
N ALA C 132 -2.25 28.45 0.70
CA ALA C 132 -1.91 28.50 2.12
C ALA C 132 -2.54 27.35 2.88
N PHE C 133 -1.81 26.83 3.86
CA PHE C 133 -2.30 25.72 4.70
C PHE C 133 -2.34 26.26 6.12
N GLU C 134 -3.50 26.14 6.75
CA GLU C 134 -3.69 26.61 8.12
C GLU C 134 -4.45 25.54 8.90
N ALA D 1 12.05 16.16 6.89
CA ALA D 1 10.86 15.96 6.03
C ALA D 1 11.25 16.08 4.56
N CYS D 2 10.36 15.61 3.70
CA CYS D 2 10.56 15.66 2.24
C CYS D 2 9.14 15.66 1.68
N GLY D 3 8.50 16.81 1.80
CA GLY D 3 7.13 16.97 1.35
C GLY D 3 6.91 17.72 0.05
N LEU D 4 6.02 18.70 0.10
CA LEU D 4 5.62 19.51 -1.04
C LEU D 4 6.45 19.38 -2.32
N VAL D 5 5.77 19.07 -3.41
CA VAL D 5 6.39 18.94 -4.72
C VAL D 5 5.36 19.52 -5.69
N ALA D 6 5.72 20.60 -6.36
CA ALA D 6 4.78 21.24 -7.25
C ALA D 6 5.30 21.41 -8.67
N SER D 7 4.56 20.86 -9.62
CA SER D 7 4.90 20.95 -11.02
C SER D 7 3.88 21.83 -11.74
N ASN D 8 4.23 22.25 -12.95
CA ASN D 8 3.39 23.11 -13.76
C ASN D 8 3.25 24.49 -13.14
N LEU D 9 4.34 25.00 -12.59
CA LEU D 9 4.32 26.31 -11.97
C LEU D 9 4.29 27.38 -13.05
N ASN D 10 5.10 27.19 -14.07
CA ASN D 10 5.20 28.12 -15.19
C ASN D 10 5.61 29.50 -14.66
N LEU D 11 6.57 29.50 -13.73
CA LEU D 11 7.10 30.72 -13.13
C LEU D 11 8.04 31.35 -14.16
N LYS D 12 7.80 32.61 -14.51
CA LYS D 12 8.63 33.28 -15.51
C LYS D 12 9.32 34.55 -15.01
N PRO D 13 10.27 35.08 -15.80
CA PRO D 13 11.01 36.30 -15.44
C PRO D 13 10.04 37.45 -15.23
N GLY D 14 10.01 37.96 -14.01
CA GLY D 14 9.11 39.04 -13.69
C GLY D 14 8.35 38.68 -12.43
N GLU D 15 7.92 37.43 -12.36
CA GLU D 15 7.18 36.98 -11.20
C GLU D 15 8.10 36.83 -10.01
N CYS D 16 7.55 37.02 -8.82
CA CYS D 16 8.29 36.87 -7.59
C CYS D 16 7.73 35.61 -6.95
N LEU D 17 8.62 34.77 -6.43
CA LEU D 17 8.19 33.54 -5.78
C LEU D 17 8.34 33.74 -4.28
N ARG D 18 7.25 33.68 -3.53
CA ARG D 18 7.32 33.88 -2.09
C ARG D 18 6.94 32.65 -1.30
N VAL D 19 7.92 32.03 -0.65
CA VAL D 19 7.63 30.87 0.17
C VAL D 19 7.79 31.27 1.62
N ARG D 20 6.77 30.96 2.40
CA ARG D 20 6.76 31.25 3.82
C ARG D 20 6.54 29.90 4.47
N GLY D 21 7.35 29.58 5.47
CA GLY D 21 7.22 28.31 6.14
C GLY D 21 7.85 28.35 7.50
N GLU D 22 7.48 27.39 8.34
CA GLU D 22 7.99 27.31 9.70
C GLU D 22 9.18 26.37 9.77
N VAL D 23 10.28 26.91 10.29
CA VAL D 23 11.51 26.16 10.49
C VAL D 23 11.33 25.42 11.81
N ALA D 24 11.49 24.10 11.80
CA ALA D 24 11.34 23.32 13.02
C ALA D 24 12.41 23.74 14.02
N ALA D 25 12.07 23.72 15.32
CA ALA D 25 13.03 24.09 16.37
C ALA D 25 14.35 23.32 16.25
N ASP D 26 14.27 21.99 16.35
CA ASP D 26 15.44 21.14 16.23
C ASP D 26 15.75 20.83 14.76
N ALA D 27 15.89 21.88 13.96
CA ALA D 27 16.17 21.72 12.54
C ALA D 27 17.67 21.68 12.27
N LYS D 28 18.08 20.81 11.35
CA LYS D 28 19.49 20.70 10.96
C LYS D 28 19.66 21.33 9.60
N SER D 29 18.69 21.13 8.72
CA SER D 29 18.72 21.72 7.38
C SER D 29 17.37 21.66 6.66
N PHE D 30 17.15 22.58 5.75
CA PHE D 30 15.94 22.61 4.94
C PHE D 30 16.32 23.11 3.55
N LEU D 31 15.54 22.74 2.54
CA LEU D 31 15.87 23.10 1.17
C LEU D 31 14.70 23.53 0.32
N LEU D 32 15.00 24.29 -0.72
CA LEU D 32 14.01 24.75 -1.67
C LEU D 32 14.62 24.49 -3.04
N ASN D 33 14.00 23.61 -3.80
CA ASN D 33 14.50 23.26 -5.13
C ASN D 33 13.64 23.93 -6.16
N LEU D 34 14.27 24.54 -7.17
CA LEU D 34 13.56 25.19 -8.27
C LEU D 34 14.21 24.77 -9.59
N GLY D 35 13.43 24.65 -10.65
CA GLY D 35 13.97 24.27 -11.95
C GLY D 35 12.94 23.67 -12.91
N LYS D 36 13.40 22.92 -13.91
CA LYS D 36 12.47 22.30 -14.85
C LYS D 36 11.92 21.00 -14.24
N ASP D 37 12.79 20.22 -13.62
CA ASP D 37 12.34 18.98 -12.96
C ASP D 37 13.28 18.63 -11.82
N ASP D 38 13.07 17.48 -11.19
CA ASP D 38 13.90 17.03 -10.07
C ASP D 38 15.38 16.88 -10.41
N ASN D 39 15.67 16.51 -11.65
CA ASN D 39 17.06 16.32 -12.09
C ASN D 39 17.69 17.55 -12.70
N ASN D 40 16.88 18.55 -13.04
CA ASN D 40 17.41 19.76 -13.65
C ASN D 40 16.91 20.94 -12.84
N LEU D 41 17.69 21.33 -11.84
CA LEU D 41 17.32 22.43 -10.96
C LEU D 41 18.24 23.61 -11.18
N CYS D 42 17.65 24.80 -11.30
CA CYS D 42 18.44 26.00 -11.48
C CYS D 42 18.90 26.52 -10.11
N LEU D 43 18.25 26.04 -9.05
CA LEU D 43 18.59 26.44 -7.70
C LEU D 43 18.22 25.42 -6.64
N HIS D 44 19.21 25.08 -5.81
CA HIS D 44 19.06 24.16 -4.67
C HIS D 44 19.49 24.99 -3.46
N PHE D 45 18.53 25.69 -2.87
CA PHE D 45 18.75 26.55 -1.71
C PHE D 45 18.80 25.62 -0.50
N ASN D 46 19.97 25.49 0.12
CA ASN D 46 20.13 24.60 1.26
C ASN D 46 20.79 25.18 2.51
N PRO D 47 20.02 25.89 3.33
CA PRO D 47 20.57 26.48 4.56
C PRO D 47 20.82 25.31 5.53
N ARG D 48 22.02 25.23 6.09
CA ARG D 48 22.32 24.15 7.02
C ARG D 48 22.80 24.67 8.36
N PHE D 49 22.01 24.38 9.39
CA PHE D 49 22.34 24.78 10.75
C PHE D 49 23.46 23.87 11.19
N ASN D 50 23.32 22.60 10.83
CA ASN D 50 24.28 21.58 11.16
C ASN D 50 24.04 20.39 10.25
N ALA D 51 24.73 20.32 9.11
CA ALA D 51 24.56 19.21 8.18
C ALA D 51 25.65 19.14 7.14
N HIS D 52 26.03 17.92 6.79
CA HIS D 52 27.04 17.68 5.77
C HIS D 52 28.35 18.45 5.94
N GLY D 53 28.79 18.60 7.18
CA GLY D 53 30.02 19.33 7.43
C GLY D 53 29.84 20.85 7.50
N ASP D 54 28.61 21.32 7.25
CA ASP D 54 28.32 22.73 7.31
C ASP D 54 27.56 23.05 8.58
N VAL D 55 27.87 24.21 9.15
CA VAL D 55 27.23 24.72 10.35
C VAL D 55 26.86 26.16 10.01
N ASN D 56 25.58 26.49 10.18
CA ASN D 56 25.08 27.85 9.91
C ASN D 56 25.58 28.37 8.58
N THR D 57 25.47 27.54 7.55
CA THR D 57 25.92 27.94 6.23
C THR D 57 24.86 27.59 5.20
N ILE D 58 24.50 28.58 4.40
CA ILE D 58 23.52 28.41 3.35
C ILE D 58 24.30 27.95 2.13
N VAL D 59 23.94 26.78 1.60
CA VAL D 59 24.60 26.23 0.43
C VAL D 59 23.61 26.27 -0.73
N CYS D 60 24.03 26.88 -1.82
CA CYS D 60 23.23 26.97 -3.05
C CYS D 60 23.98 26.14 -4.08
N ASN D 61 23.25 25.54 -5.01
CA ASN D 61 23.89 24.74 -6.05
C ASN D 61 22.85 24.45 -7.14
N SER D 62 23.36 24.13 -8.32
CA SER D 62 22.51 23.81 -9.45
C SER D 62 22.58 22.30 -9.65
N LYS D 63 21.64 21.77 -10.42
CA LYS D 63 21.60 20.35 -10.72
C LYS D 63 21.27 20.30 -12.19
N ASP D 64 22.14 19.70 -12.99
CA ASP D 64 21.92 19.62 -14.42
C ASP D 64 21.96 18.16 -14.83
N ALA D 65 20.80 17.63 -15.21
CA ALA D 65 20.70 16.24 -15.64
C ALA D 65 21.27 15.28 -14.61
N GLY D 66 20.86 15.48 -13.36
CA GLY D 66 21.31 14.63 -12.27
C GLY D 66 22.63 14.99 -11.62
N ALA D 67 23.44 15.80 -12.30
CA ALA D 67 24.74 16.17 -11.77
C ALA D 67 24.74 17.48 -11.00
N TRP D 68 25.14 17.45 -9.74
CA TRP D 68 25.18 18.65 -8.93
C TRP D 68 26.31 19.53 -9.44
N GLY D 69 26.11 20.85 -9.39
CA GLY D 69 27.13 21.76 -9.85
C GLY D 69 28.08 22.11 -8.72
N ALA D 70 28.77 23.25 -8.86
CA ALA D 70 29.71 23.71 -7.85
C ALA D 70 28.92 24.44 -6.77
N GLU D 71 29.22 24.13 -5.51
CA GLU D 71 28.53 24.76 -4.39
C GLU D 71 28.98 26.18 -4.15
N GLN D 72 28.00 27.03 -3.85
CA GLN D 72 28.26 28.42 -3.54
C GLN D 72 27.69 28.62 -2.15
N ARG D 73 28.55 29.02 -1.22
CA ARG D 73 28.13 29.24 0.15
C ARG D 73 28.10 30.73 0.41
N GLU D 74 26.98 31.21 0.91
CA GLU D 74 26.85 32.63 1.18
C GLU D 74 27.53 33.01 2.47
N SER D 75 28.05 34.22 2.49
CA SER D 75 28.75 34.76 3.64
C SER D 75 27.79 35.41 4.64
N ALA D 76 26.61 34.82 4.84
CA ALA D 76 25.61 35.33 5.78
C ALA D 76 24.47 34.35 5.98
N PHE D 77 24.15 34.07 7.24
CA PHE D 77 23.10 33.12 7.61
C PHE D 77 22.24 33.72 8.71
N PRO D 78 21.06 34.24 8.36
CA PRO D 78 20.11 34.86 9.28
C PRO D 78 19.10 33.91 9.91
N PHE D 79 19.06 32.68 9.44
CA PHE D 79 18.10 31.73 9.96
C PHE D 79 18.31 31.35 11.40
N GLN D 80 17.20 31.17 12.10
CA GLN D 80 17.19 30.77 13.49
C GLN D 80 16.15 29.65 13.53
N PRO D 81 16.44 28.57 14.27
CA PRO D 81 15.53 27.42 14.39
C PRO D 81 14.16 27.86 14.90
N GLY D 82 13.20 26.94 14.83
CA GLY D 82 11.86 27.21 15.32
C GLY D 82 11.11 28.44 14.86
N SER D 83 11.76 29.32 14.10
CA SER D 83 11.10 30.53 13.65
C SER D 83 10.34 30.30 12.35
N VAL D 84 9.68 31.34 11.87
CA VAL D 84 8.96 31.28 10.62
C VAL D 84 9.83 32.07 9.65
N VAL D 85 10.01 31.53 8.46
CA VAL D 85 10.86 32.14 7.44
C VAL D 85 10.12 32.40 6.14
N GLU D 86 10.48 33.50 5.47
CA GLU D 86 9.92 33.85 4.17
C GLU D 86 11.08 34.16 3.25
N VAL D 87 11.06 33.57 2.06
CA VAL D 87 12.11 33.79 1.09
C VAL D 87 11.47 34.12 -0.25
N CYS D 88 11.92 35.22 -0.83
CA CYS D 88 11.39 35.68 -2.10
C CYS D 88 12.41 35.49 -3.20
N ILE D 89 12.00 34.86 -4.29
CA ILE D 89 12.90 34.58 -5.40
C ILE D 89 12.47 35.19 -6.73
N SER D 90 13.25 36.16 -7.20
CA SER D 90 13.00 36.76 -8.49
C SER D 90 14.11 36.15 -9.34
N PHE D 91 13.93 36.08 -10.65
CA PHE D 91 14.98 35.48 -11.48
C PHE D 91 14.87 35.84 -12.95
N ASN D 92 16.00 35.75 -13.65
CA ASN D 92 16.04 36.03 -15.07
C ASN D 92 17.07 35.08 -15.68
N GLN D 93 17.28 35.22 -16.99
CA GLN D 93 18.22 34.39 -17.74
C GLN D 93 19.64 34.37 -17.19
N THR D 94 19.97 35.37 -16.38
CA THR D 94 21.31 35.50 -15.79
C THR D 94 21.43 34.92 -14.38
N ASP D 95 20.63 35.42 -13.44
CA ASP D 95 20.68 34.91 -12.08
C ASP D 95 19.40 35.02 -11.29
N LEU D 96 19.34 34.26 -10.20
CA LEU D 96 18.20 34.23 -9.30
C LEU D 96 18.62 35.07 -8.11
N THR D 97 17.65 35.74 -7.49
CA THR D 97 17.90 36.59 -6.33
C THR D 97 17.02 36.11 -5.18
N ILE D 98 17.66 35.82 -4.04
CA ILE D 98 16.96 35.34 -2.85
C ILE D 98 16.99 36.40 -1.76
N LYS D 99 15.83 36.68 -1.18
CA LYS D 99 15.69 37.65 -0.10
C LYS D 99 15.41 36.89 1.18
N LEU D 100 16.24 37.09 2.20
CA LEU D 100 16.08 36.40 3.47
C LEU D 100 15.40 37.24 4.55
N PRO D 101 14.76 36.58 5.53
CA PRO D 101 14.04 37.22 6.64
C PRO D 101 14.68 38.45 7.28
N ASP D 102 15.95 38.35 7.65
CA ASP D 102 16.64 39.46 8.28
C ASP D 102 16.70 40.71 7.40
N GLY D 103 16.68 40.51 6.09
CA GLY D 103 16.76 41.63 5.16
C GLY D 103 18.00 41.48 4.29
N TYR D 104 18.70 40.35 4.44
CA TYR D 104 19.90 40.06 3.67
C TYR D 104 19.51 39.36 2.37
N GLU D 105 19.99 39.91 1.26
CA GLU D 105 19.70 39.41 -0.06
C GLU D 105 20.98 38.99 -0.76
N PHE D 106 20.89 37.96 -1.61
CA PHE D 106 22.04 37.49 -2.37
C PHE D 106 21.61 36.87 -3.70
N LYS D 107 22.55 36.81 -4.65
CA LYS D 107 22.28 36.25 -5.97
C LYS D 107 22.97 34.92 -6.19
N PHE D 108 22.44 34.13 -7.13
CA PHE D 108 22.98 32.83 -7.50
C PHE D 108 22.75 32.63 -9.01
N PRO D 109 23.83 32.36 -9.76
CA PRO D 109 23.71 32.18 -11.20
C PRO D 109 22.73 31.11 -11.68
N ASN D 110 22.20 31.32 -12.89
CA ASN D 110 21.26 30.39 -13.51
C ASN D 110 22.04 29.55 -14.52
N ARG D 111 22.79 28.57 -14.01
CA ARG D 111 23.62 27.71 -14.85
C ARG D 111 22.89 26.90 -15.93
N LEU D 112 21.56 26.84 -15.83
CA LEU D 112 20.78 26.10 -16.82
C LEU D 112 20.13 27.07 -17.82
N ASN D 113 20.13 28.34 -17.46
CA ASN D 113 19.54 29.39 -18.30
C ASN D 113 18.05 29.16 -18.54
N LEU D 114 17.35 28.80 -17.47
CA LEU D 114 15.93 28.54 -17.54
C LEU D 114 15.12 29.79 -17.82
N GLU D 115 14.18 29.66 -18.73
CA GLU D 115 13.32 30.77 -19.10
C GLU D 115 12.11 30.77 -18.19
N ALA D 116 11.85 29.62 -17.55
CA ALA D 116 10.72 29.50 -16.65
C ALA D 116 10.89 28.32 -15.70
N ILE D 117 10.47 28.51 -14.46
CA ILE D 117 10.57 27.48 -13.45
C ILE D 117 9.27 26.71 -13.42
N ASN D 118 9.33 25.43 -13.77
CA ASN D 118 8.12 24.61 -13.78
C ASN D 118 8.04 23.68 -12.58
N TYR D 119 9.13 23.55 -11.83
CA TYR D 119 9.17 22.66 -10.69
C TYR D 119 9.72 23.32 -9.43
N LEU D 120 9.15 22.94 -8.29
CA LEU D 120 9.54 23.45 -6.99
C LEU D 120 9.36 22.31 -6.01
N SER D 121 10.28 22.16 -5.07
CA SER D 121 10.16 21.12 -4.06
C SER D 121 10.72 21.67 -2.75
N ALA D 122 10.31 21.05 -1.65
CA ALA D 122 10.73 21.47 -0.33
C ALA D 122 11.10 20.26 0.49
N GLY D 123 11.85 20.48 1.55
CA GLY D 123 12.28 19.36 2.38
C GLY D 123 13.02 19.79 3.61
N GLY D 124 13.65 18.82 4.28
CA GLY D 124 14.37 19.11 5.48
C GLY D 124 13.36 19.41 6.57
N ASP D 125 13.76 20.23 7.53
CA ASP D 125 12.91 20.60 8.66
C ASP D 125 12.31 21.96 8.38
N PHE D 126 11.30 21.97 7.52
CA PHE D 126 10.66 23.21 7.09
C PHE D 126 9.27 22.84 6.58
N LYS D 127 8.24 23.21 7.34
CA LYS D 127 6.88 22.92 6.88
C LYS D 127 6.42 24.14 6.10
N ILE D 128 6.11 23.94 4.82
CA ILE D 128 5.66 25.05 3.98
C ILE D 128 4.28 25.59 4.37
N LYS D 129 4.25 26.85 4.77
CA LYS D 129 3.03 27.52 5.18
C LYS D 129 2.24 28.12 4.01
N CYS D 130 2.92 28.88 3.16
CA CYS D 130 2.27 29.51 2.03
C CYS D 130 3.21 29.76 0.85
N VAL D 131 2.67 29.56 -0.35
CA VAL D 131 3.38 29.73 -1.62
C VAL D 131 2.62 30.75 -2.45
N ALA D 132 3.25 31.88 -2.72
CA ALA D 132 2.61 32.95 -3.49
C ALA D 132 3.37 33.33 -4.75
N PHE D 133 2.64 33.33 -5.86
CA PHE D 133 3.19 33.68 -7.16
C PHE D 133 2.72 35.12 -7.41
N GLU D 134 3.64 35.96 -7.89
CA GLU D 134 3.31 37.35 -8.18
C GLU D 134 4.43 38.04 -8.96
C1 NAG E . -22.71 2.03 10.59
C2 NAG E . -23.40 0.66 10.46
C3 NAG E . -23.35 0.10 9.02
C4 NAG E . -23.81 1.18 8.06
C5 NAG E . -22.86 2.36 8.22
C6 NAG E . -23.09 3.46 7.19
C7 NAG E . -23.16 -0.41 12.62
C8 NAG E . -22.40 -1.40 13.49
N2 NAG E . -22.75 -0.28 11.36
O1 NAG E . -23.12 2.63 11.76
O3 NAG E . -24.20 -1.03 8.92
O4 NAG E . -23.79 0.70 6.71
O5 NAG E . -23.06 2.92 9.52
O6 NAG E . -24.35 4.06 7.37
O7 NAG E . -24.13 0.22 13.07
C1 BMA E . -24.92 0.99 5.95
C2 BMA E . -24.53 0.98 4.50
C3 BMA E . -25.73 1.42 3.68
C4 BMA E . -26.93 0.54 4.00
C5 BMA E . -27.12 0.16 5.50
C6 BMA E . -27.84 -1.18 5.54
O2 BMA E . -24.17 -0.34 4.13
O3 BMA E . -25.39 1.23 2.29
O4 BMA E . -28.11 1.19 3.55
O5 BMA E . -25.87 -0.05 6.17
O6 BMA E . -27.99 -1.67 6.89
C1 MAN E . -25.81 2.18 1.37
C2 MAN E . -26.01 1.47 0.02
C3 MAN E . -24.68 0.94 -0.47
C4 MAN E . -23.67 2.08 -0.56
C5 MAN E . -23.57 2.81 0.77
C6 MAN E . -22.70 4.05 0.66
O2 MAN E . -26.59 2.38 -0.94
O3 MAN E . -24.83 0.33 -1.74
O4 MAN E . -22.41 1.55 -0.92
O5 MAN E . -24.87 3.24 1.23
O6 MAN E . -22.59 4.75 1.89
C1 NAG E . -27.97 2.51 -0.88
C2 NAG E . -28.36 3.90 -1.33
C3 NAG E . -29.88 4.01 -1.18
C4 NAG E . -30.56 2.97 -2.06
C5 NAG E . -30.01 1.57 -1.71
C6 NAG E . -30.50 0.47 -2.65
C7 NAG E . -26.62 5.53 -1.03
C8 NAG E . -25.95 6.56 -0.13
N2 NAG E . -27.67 4.90 -0.53
O3 NAG E . -30.32 5.31 -1.54
O4 NAG E . -31.98 3.01 -1.80
O5 NAG E . -28.57 1.55 -1.76
O6 NAG E . -30.05 0.66 -3.99
O7 NAG E . -26.20 5.34 -2.18
C1 GAL E . -32.86 2.90 -2.87
C2 GAL E . -34.21 2.45 -2.32
C3 GAL E . -35.33 2.56 -3.36
C4 GAL E . -35.33 3.94 -3.99
C5 GAL E . -33.93 4.23 -4.54
C6 GAL E . -33.83 5.59 -5.18
O2 GAL E . -34.11 1.11 -1.91
O3 GAL E . -36.58 2.34 -2.71
O4 GAL E . -35.71 4.91 -3.02
O5 GAL E . -32.95 4.20 -3.48
O6 GAL E . -32.61 5.73 -5.87
C1 MAN E . -27.08 -2.65 7.33
C2 MAN E . -26.89 -3.78 6.30
C3 MAN E . -28.28 -4.31 5.96
C4 MAN E . -28.92 -4.84 7.25
C5 MAN E . -28.85 -3.84 8.42
C6 MAN E . -29.12 -4.51 9.76
O2 MAN E . -26.14 -4.85 6.93
O3 MAN E . -28.17 -5.36 5.00
O4 MAN E . -30.28 -5.17 7.00
O5 MAN E . -27.53 -3.25 8.53
O6 MAN E . -28.42 -3.86 10.81
C1 NAG E . -24.99 -5.38 6.34
C2 NAG E . -24.11 -6.02 7.43
C3 NAG E . -22.88 -6.63 6.77
C4 NAG E . -23.32 -7.68 5.76
C5 NAG E . -24.27 -7.03 4.74
C6 NAG E . -24.83 -8.03 3.75
C7 NAG E . -24.44 -4.82 9.52
C8 NAG E . -23.94 -3.76 10.47
N2 NAG E . -23.71 -5.02 8.41
O3 NAG E . -22.04 -7.22 7.75
O4 NAG E . -22.15 -8.20 5.08
O5 NAG E . -25.40 -6.40 5.41
O6 NAG E . -25.50 -9.08 4.44
O7 NAG E . -25.47 -5.47 9.75
C1 GAL E . -21.95 -9.58 5.06
C2 GAL E . -20.91 -9.91 4.01
C3 GAL E . -20.64 -11.41 4.00
C4 GAL E . -20.22 -11.87 5.39
C5 GAL E . -21.22 -11.41 6.44
C6 GAL E . -20.67 -11.68 7.82
O2 GAL E . -21.34 -9.50 2.73
O3 GAL E . -19.61 -11.70 3.07
O4 GAL E . -18.94 -11.35 5.70
O5 GAL E . -21.47 -9.98 6.35
O6 GAL E . -21.69 -11.96 8.74
C1 MAN F . -29.45 15.34 -22.99
C2 MAN F . -29.20 16.31 -24.15
C3 MAN F . -27.80 16.10 -24.71
C4 MAN F . -26.77 16.16 -23.60
C5 MAN F . -27.12 15.24 -22.46
C6 MAN F . -26.18 15.48 -21.31
O1 MAN F . -30.68 15.60 -22.42
O2 MAN F . -29.33 17.64 -23.67
O3 MAN F . -27.48 17.13 -25.66
O4 MAN F . -25.49 15.81 -24.13
O5 MAN F . -28.45 15.52 -21.98
O6 MAN F . -25.97 14.26 -20.60
C1 MAN F . -27.51 16.81 -27.01
C2 MAN F . -26.37 17.57 -27.72
C3 MAN F . -26.64 19.09 -27.67
C4 MAN F . -28.03 19.38 -28.24
C5 MAN F . -29.07 18.55 -27.49
C6 MAN F . -30.49 18.73 -27.97
O2 MAN F . -26.27 17.15 -29.10
O3 MAN F . -25.65 19.79 -28.40
O4 MAN F . -28.32 20.76 -28.10
O5 MAN F . -28.75 17.15 -27.59
O6 MAN F . -31.39 17.95 -27.19
C1 NAG F . -26.04 15.80 -29.34
C2 NAG F . -26.38 15.45 -30.78
C3 NAG F . -26.14 13.96 -30.98
C4 NAG F . -24.72 13.59 -30.56
C5 NAG F . -24.42 14.09 -29.14
C6 NAG F . -22.98 13.86 -28.71
C7 NAG F . -28.12 16.95 -31.54
C8 NAG F . -29.61 17.22 -31.72
N2 NAG F . -27.78 15.79 -31.01
O3 NAG F . -26.32 13.61 -32.34
O4 NAG F . -24.58 12.17 -30.60
O5 NAG F . -24.67 15.51 -29.05
O6 NAG F . -22.10 14.62 -29.51
O7 NAG F . -27.27 17.78 -31.91
C1 GAL F . -23.42 11.69 -31.17
C2 GAL F . -23.26 10.22 -30.76
C3 GAL F . -22.21 9.49 -31.57
C4 GAL F . -22.43 9.73 -33.06
C5 GAL F . -22.43 11.24 -33.29
C6 GAL F . -22.50 11.67 -34.74
O2 GAL F . -22.91 10.16 -29.40
O3 GAL F . -22.27 8.11 -31.27
O4 GAL F . -23.67 9.17 -33.43
O5 GAL F . -23.55 11.81 -32.60
O6 GAL F . -23.67 11.18 -35.36
C1 MAN F . -25.54 14.53 -19.30
C2 MAN F . -24.54 13.47 -18.87
C3 MAN F . -25.23 12.14 -18.60
C4 MAN F . -26.39 12.34 -17.63
C5 MAN F . -27.35 13.42 -18.17
C6 MAN F . -28.46 13.75 -17.19
O2 MAN F . -23.87 13.94 -17.69
O3 MAN F . -24.30 11.23 -18.03
O4 MAN F . -27.08 11.11 -17.44
O5 MAN F . -26.62 14.64 -18.39
O6 MAN F . -29.24 12.60 -16.85
C1 NAG F . -22.84 14.85 -17.88
C2 NAG F . -22.71 15.72 -16.63
C3 NAG F . -21.44 16.58 -16.70
C4 NAG F . -20.22 15.71 -16.99
C5 NAG F . -20.49 14.95 -18.30
C6 NAG F . -19.35 14.04 -18.74
C7 NAG F . -25.01 16.12 -16.04
C8 NAG F . -26.15 17.12 -15.97
N2 NAG F . -23.87 16.58 -16.52
O3 NAG F . -21.26 17.25 -15.46
O4 NAG F . -19.04 16.53 -17.10
O5 NAG F . -21.64 14.11 -18.14
O6 NAG F . -19.42 12.77 -18.09
O7 NAG F . -25.15 14.95 -15.64
C1 GAL F . -17.95 16.10 -16.36
C2 GAL F . -16.69 16.88 -16.76
C3 GAL F . -15.52 16.38 -15.92
C4 GAL F . -15.85 16.57 -14.45
C5 GAL F . -17.17 15.84 -14.12
C6 GAL F . -17.64 16.06 -12.69
O2 GAL F . -16.38 16.69 -18.13
O3 GAL F . -14.36 17.13 -16.25
O4 GAL F . -15.96 17.95 -14.17
O5 GAL F . -18.23 16.31 -14.98
O6 GAL F . -18.79 15.28 -12.42
#